data_6DHT
#
_entry.id   6DHT
#
_cell.length_a   130.646
_cell.length_b   50.406
_cell.length_c   95.980
_cell.angle_alpha   90.000
_cell.angle_beta   109.000
_cell.angle_gamma   90.000
#
_symmetry.space_group_name_H-M   'C 1 2 1'
#
loop_
_entity.id
_entity.type
_entity.pdbx_description
1 polymer 'Xyloglucan-specific endo-beta-1,4-glucanase BoGH9A'
2 non-polymer IMIDAZOLE
3 non-polymer 'CALCIUM ION'
4 non-polymer 1,2-ETHANEDIOL
5 non-polymer DI(HYDROXYETHYL)ETHER
6 non-polymer 'CHLORIDE ION'
7 non-polymer 'MAGNESIUM ION'
8 water water
#
_entity_poly.entity_id   1
_entity_poly.type   'polypeptide(L)'
_entity_poly.pdbx_seq_one_letter_code
;HHHHHHTPSTSVIPNDAIRLNQLGYYPNQEKIAVVDSGKVEEFVIWDAVSGEQVFVGKSLYTAKSAWSDKTRTTLDFSAV
TTPGKYILKVNGASVTFLIKDSVLSPLADAALKSFYYQRTAMPIEEQYAGQWHRMAGHPDNHVLIHPSAASPDRPAGTIV
SSSKGWYDAGDYNKYIVNSGYSIGLMQSIYQLFLDYFSRQKINIPESNNHTPDLLDEMQFNLDWMLTMQDPEDGGVYHKL
TTPFFEGFVKPVDCKQQRYVVQKSVTAALDFAAVMAQSSRLFASYEEDYPGFSKRALLAAEKAYAWAEKHPEAYYNQNLL
NQKYQPAIATGEYGDTHADDEFFWAASELYFSTGKEIYREEAIKKAPQIYTAPGWGNTFALGIFAWLQPGRELNEADRRF
ADSLKTELLKYADKVIEGAEQTPFHAPYGNDAKDFFWGCLAEKCMNQGVSLMYAYLQTGKDVYLTNAYRNMDYILGRNAT
GFCYVTGLGTKSPKHPHHRLSASDDIEDPIPGFLVGGPNPGQQDGAFYPTASPDESYVDTEDSYASNEVAINWNAALVAL
ASSLDALAV
;
_entity_poly.pdbx_strand_id   A
#
# COMPACT_ATOMS: atom_id res chain seq x y z
N ILE A 13 5.07 12.35 34.31
CA ILE A 13 4.77 12.06 32.90
C ILE A 13 6.05 11.83 32.11
N PRO A 14 6.20 10.62 31.55
CA PRO A 14 7.43 10.35 30.81
C PRO A 14 7.46 10.98 29.39
N ASN A 15 8.66 11.17 28.86
CA ASN A 15 8.82 11.65 27.49
C ASN A 15 8.00 10.78 26.53
N ASP A 16 8.02 9.48 26.83
CA ASP A 16 7.27 8.41 26.15
C ASP A 16 5.79 8.72 25.93
N ALA A 17 5.22 9.55 26.78
CA ALA A 17 3.79 9.79 26.78
C ALA A 17 3.41 10.79 25.72
N ILE A 18 4.38 11.53 25.21
CA ILE A 18 4.10 12.54 24.19
C ILE A 18 4.03 11.87 22.81
N ARG A 19 2.83 11.79 22.25
CA ARG A 19 2.61 11.05 21.01
C ARG A 19 2.51 12.05 19.86
N LEU A 20 3.39 11.88 18.87
CA LEU A 20 3.40 12.83 17.76
C LEU A 20 3.89 12.15 16.49
N ASN A 21 3.78 12.87 15.38
CA ASN A 21 4.41 12.45 14.13
C ASN A 21 5.93 12.55 14.31
N GLN A 22 6.56 11.38 14.33
CA GLN A 22 7.99 11.30 14.64
C GLN A 22 8.89 11.69 13.50
N LEU A 23 8.31 11.99 12.33
CA LEU A 23 9.11 12.51 11.22
C LEU A 23 9.11 14.03 11.29
N GLY A 24 7.97 14.62 11.66
CA GLY A 24 7.87 16.07 11.80
C GLY A 24 6.68 16.61 11.02
N TYR A 25 6.72 17.91 10.75
CA TYR A 25 5.58 18.63 10.19
C TYR A 25 5.96 19.57 9.08
N TYR A 26 5.08 19.68 8.08
CA TYR A 26 5.28 20.71 7.06
C TYR A 26 5.01 22.08 7.67
N PRO A 27 5.65 23.14 7.13
CA PRO A 27 5.47 24.47 7.74
C PRO A 27 4.01 24.92 7.86
N ASN A 28 3.16 24.61 6.88
CA ASN A 28 1.77 25.03 6.94
C ASN A 28 0.81 23.96 7.40
N GLN A 29 1.34 22.84 7.89
CA GLN A 29 0.51 21.75 8.38
C GLN A 29 -0.11 22.07 9.72
N GLU A 30 -1.24 21.45 10.00
CA GLU A 30 -1.73 21.36 11.36
C GLU A 30 -0.66 20.61 12.15
N LYS A 31 -0.39 21.09 13.37
CA LYS A 31 0.66 20.50 14.19
C LYS A 31 0.14 20.15 15.56
N ILE A 32 -0.13 18.88 15.77
CA ILE A 32 -0.77 18.39 16.97
C ILE A 32 -0.02 17.20 17.55
N ALA A 33 0.20 17.25 18.87
CA ALA A 33 0.72 16.14 19.62
C ALA A 33 -0.33 15.77 20.65
N VAL A 34 -0.31 14.53 21.11
CA VAL A 34 -1.27 14.06 22.10
C VAL A 34 -0.53 13.39 23.24
N VAL A 35 -0.80 13.84 24.46
CA VAL A 35 -0.25 13.16 25.62
C VAL A 35 -1.15 11.97 25.92
N ASP A 36 -0.57 10.78 25.99
CA ASP A 36 -1.33 9.54 26.04
C ASP A 36 -2.08 9.32 27.36
N SER A 37 -1.58 9.94 28.43
CA SER A 37 -2.21 9.79 29.75
C SER A 37 -1.54 10.75 30.71
N GLY A 38 -2.29 11.13 31.74
CA GLY A 38 -1.77 12.02 32.77
C GLY A 38 -2.45 13.36 32.76
N LYS A 39 -2.30 14.10 33.86
CA LYS A 39 -2.88 15.41 33.99
C LYS A 39 -1.94 16.46 33.41
N VAL A 40 -2.43 17.19 32.40
CA VAL A 40 -1.66 18.22 31.73
C VAL A 40 -2.52 19.48 31.65
N GLU A 41 -1.92 20.65 31.89
CA GLU A 41 -2.66 21.90 31.83
C GLU A 41 -2.05 22.89 30.86
N GLU A 42 -0.79 22.67 30.48
CA GLU A 42 -0.04 23.65 29.73
C GLU A 42 1.12 22.99 28.96
N PHE A 43 1.44 23.51 27.77
CA PHE A 43 2.67 23.12 27.09
C PHE A 43 3.34 24.31 26.46
N VAL A 44 4.63 24.15 26.17
CA VAL A 44 5.44 25.23 25.59
C VAL A 44 6.30 24.68 24.46
N ILE A 45 6.42 25.46 23.39
CA ILE A 45 7.36 25.15 22.32
C ILE A 45 8.54 26.12 22.40
N TRP A 46 9.75 25.56 22.40
CA TRP A 46 10.99 26.33 22.38
C TRP A 46 11.79 26.10 21.10
N ASP A 47 12.44 27.15 20.60
CA ASP A 47 13.39 27.00 19.51
C ASP A 47 14.60 26.26 20.08
N ALA A 48 14.95 25.11 19.51
CA ALA A 48 15.96 24.25 20.12
C ALA A 48 17.35 24.86 20.06
N VAL A 49 17.57 25.74 19.10
CA VAL A 49 18.87 26.36 18.88
C VAL A 49 19.03 27.65 19.69
N SER A 50 18.10 28.58 19.51
CA SER A 50 18.17 29.91 20.13
C SER A 50 17.68 29.90 21.58
N GLY A 51 16.89 28.90 21.93
CA GLY A 51 16.31 28.81 23.25
C GLY A 51 15.15 29.77 23.45
N GLU A 52 14.72 30.40 22.37
CA GLU A 52 13.59 31.32 22.42
C GLU A 52 12.28 30.61 22.63
N GLN A 53 11.42 31.20 23.45
CA GLN A 53 10.05 30.74 23.57
C GLN A 53 9.31 31.10 22.28
N VAL A 54 8.58 30.12 21.73
CA VAL A 54 7.97 30.27 20.42
C VAL A 54 6.45 30.21 20.49
N PHE A 55 5.93 29.45 21.45
CA PHE A 55 4.50 29.22 21.59
C PHE A 55 4.17 28.67 22.97
N VAL A 56 3.05 29.10 23.52
CA VAL A 56 2.52 28.56 24.76
C VAL A 56 1.06 28.22 24.56
N GLY A 57 0.70 27.00 24.94
CA GLY A 57 -0.67 26.52 24.84
C GLY A 57 -1.29 26.19 26.18
N LYS A 58 -2.52 26.66 26.37
CA LYS A 58 -3.28 26.40 27.59
C LYS A 58 -4.73 26.03 27.24
N SER A 59 -5.55 25.77 28.25
CA SER A 59 -6.97 25.44 28.04
C SER A 59 -7.09 24.28 27.08
N LEU A 60 -6.44 23.19 27.43
CA LEU A 60 -6.27 22.06 26.53
C LEU A 60 -7.46 21.13 26.52
N TYR A 61 -7.79 20.65 25.32
CA TYR A 61 -8.85 19.67 25.13
C TYR A 61 -8.38 18.30 25.54
N THR A 62 -9.28 17.55 26.18
CA THR A 62 -9.00 16.17 26.55
C THR A 62 -10.16 15.30 26.11
N ALA A 63 -9.89 14.01 25.92
CA ALA A 63 -10.89 13.06 25.53
C ALA A 63 -10.45 11.66 25.89
N LYS A 64 -11.41 10.75 25.90
CA LYS A 64 -11.15 9.35 26.14
C LYS A 64 -11.84 8.55 25.05
N SER A 65 -11.27 7.40 24.70
CA SER A 65 -11.92 6.43 23.84
C SER A 65 -12.87 5.59 24.69
N ALA A 66 -13.71 4.82 24.03
CA ALA A 66 -14.71 4.02 24.73
C ALA A 66 -14.08 2.95 25.62
N TRP A 67 -12.87 2.52 25.28
CA TRP A 67 -12.28 1.33 25.90
C TRP A 67 -11.11 1.56 26.85
N SER A 68 -10.63 2.79 26.91
CA SER A 68 -9.46 3.10 27.71
C SER A 68 -9.78 4.24 28.66
N ASP A 69 -9.37 4.09 29.92
CA ASP A 69 -9.62 5.14 30.90
C ASP A 69 -8.55 6.22 30.87
N LYS A 70 -7.57 6.09 29.96
CA LYS A 70 -6.53 7.08 29.85
C LYS A 70 -7.12 8.41 29.38
N THR A 71 -6.62 9.51 29.95
CA THR A 71 -6.97 10.84 29.51
C THR A 71 -5.96 11.26 28.45
N ARG A 72 -6.44 11.50 27.22
CA ARG A 72 -5.58 11.96 26.15
C ARG A 72 -5.72 13.46 25.98
N THR A 73 -4.61 14.20 26.03
CA THR A 73 -4.65 15.66 25.97
C THR A 73 -4.05 16.15 24.65
N THR A 74 -4.81 16.97 23.95
CA THR A 74 -4.39 17.51 22.66
C THR A 74 -3.57 18.78 22.84
N LEU A 75 -2.42 18.81 22.18
CA LEU A 75 -1.53 19.95 22.17
C LEU A 75 -1.44 20.49 20.75
N ASP A 76 -2.03 21.65 20.50
CA ASP A 76 -2.12 22.23 19.15
C ASP A 76 -1.20 23.45 19.02
N PHE A 77 -0.10 23.28 18.30
CA PHE A 77 0.87 24.34 18.04
C PHE A 77 0.98 24.63 16.53
N SER A 78 -0.14 24.46 15.84
CA SER A 78 -0.22 24.68 14.39
C SER A 78 0.28 26.05 13.95
N ALA A 79 0.16 27.05 14.83
CA ALA A 79 0.54 28.41 14.49
C ALA A 79 2.05 28.57 14.33
N VAL A 80 2.83 27.60 14.82
CA VAL A 80 4.27 27.68 14.61
C VAL A 80 4.52 27.22 13.17
N THR A 81 5.02 28.12 12.34
CA THR A 81 5.17 27.81 10.91
C THR A 81 6.59 28.00 10.38
N THR A 82 7.50 28.51 11.21
CA THR A 82 8.87 28.70 10.76
C THR A 82 9.65 27.38 10.75
N PRO A 83 10.27 27.03 9.59
CA PRO A 83 11.10 25.82 9.58
C PRO A 83 12.24 25.87 10.61
N GLY A 84 12.49 24.73 11.25
CA GLY A 84 13.51 24.67 12.28
C GLY A 84 13.36 23.46 13.17
N LYS A 85 14.21 23.39 14.20
CA LYS A 85 14.15 22.33 15.19
C LYS A 85 13.65 22.93 16.49
N TYR A 86 12.70 22.24 17.12
CA TYR A 86 11.95 22.80 18.26
C TYR A 86 11.91 21.78 19.40
N ILE A 87 11.66 22.29 20.60
CA ILE A 87 11.44 21.41 21.75
C ILE A 87 10.05 21.63 22.30
N LEU A 88 9.32 20.53 22.48
CA LEU A 88 8.00 20.56 23.10
C LEU A 88 8.17 20.14 24.55
N LYS A 89 7.85 21.02 25.48
CA LYS A 89 7.89 20.68 26.90
C LYS A 89 6.47 20.63 27.46
N VAL A 90 6.15 19.53 28.14
CA VAL A 90 4.87 19.32 28.81
C VAL A 90 5.16 18.71 30.16
N ASN A 91 4.82 19.44 31.22
CA ASN A 91 5.03 18.95 32.58
C ASN A 91 6.51 18.60 32.76
N GLY A 92 6.81 17.36 33.12
CA GLY A 92 8.19 16.97 33.26
C GLY A 92 8.87 16.62 31.94
N ALA A 93 8.06 16.34 30.93
CA ALA A 93 8.53 15.65 29.73
C ALA A 93 8.91 16.58 28.60
N SER A 94 9.72 16.09 27.67
CA SER A 94 9.98 16.83 26.45
C SER A 94 10.34 15.92 25.27
N VAL A 95 10.15 16.47 24.07
CA VAL A 95 10.55 15.80 22.83
CA VAL A 95 10.54 15.80 22.83
C VAL A 95 10.96 16.89 21.87
N THR A 96 11.93 16.59 21.00
CA THR A 96 12.32 17.54 19.95
C THR A 96 11.63 17.11 18.66
N PHE A 97 11.34 18.08 17.80
CA PHE A 97 10.71 17.78 16.52
C PHE A 97 11.14 18.80 15.48
N LEU A 98 10.88 18.48 14.21
CA LEU A 98 11.26 19.33 13.11
C LEU A 98 10.04 19.85 12.40
N ILE A 99 10.13 21.10 11.95
CA ILE A 99 9.21 21.65 10.98
C ILE A 99 10.06 21.90 9.74
N LYS A 100 9.70 21.31 8.61
CA LYS A 100 10.55 21.43 7.43
C LYS A 100 9.78 21.07 6.18
N ASP A 101 10.20 21.63 5.06
CA ASP A 101 9.73 21.16 3.77
C ASP A 101 10.09 19.69 3.55
N SER A 102 9.24 19.03 2.76
CA SER A 102 9.48 17.67 2.27
C SER A 102 9.68 16.68 3.40
N VAL A 103 8.95 16.87 4.48
CA VAL A 103 9.20 16.05 5.66
C VAL A 103 8.85 14.56 5.42
N LEU A 104 7.88 14.29 4.57
CA LEU A 104 7.52 12.90 4.27
C LEU A 104 8.25 12.34 3.04
N SER A 105 9.16 13.08 2.43
CA SER A 105 9.84 12.57 1.25
C SER A 105 10.66 11.33 1.55
N PRO A 106 11.42 11.30 2.67
CA PRO A 106 12.17 10.05 2.94
C PRO A 106 11.25 8.87 3.18
N LEU A 107 10.07 9.10 3.73
CA LEU A 107 9.09 8.04 3.93
C LEU A 107 8.56 7.53 2.57
N ALA A 108 8.17 8.45 1.70
CA ALA A 108 7.64 8.05 0.39
C ALA A 108 8.69 7.26 -0.39
N ASP A 109 9.93 7.69 -0.34
CA ASP A 109 11.01 7.05 -1.06
C ASP A 109 11.31 5.69 -0.46
N ALA A 110 11.40 5.62 0.86
CA ALA A 110 11.65 4.33 1.52
C ALA A 110 10.55 3.28 1.27
N ALA A 111 9.32 3.74 1.31
CA ALA A 111 8.17 2.89 1.06
C ALA A 111 8.23 2.27 -0.34
N LEU A 112 8.64 3.07 -1.33
CA LEU A 112 8.81 2.55 -2.68
C LEU A 112 10.02 1.64 -2.79
N LYS A 113 11.11 2.01 -2.12
CA LYS A 113 12.34 1.24 -2.19
C LYS A 113 12.17 -0.13 -1.52
N SER A 114 11.19 -0.28 -0.62
CA SER A 114 10.92 -1.58 -0.01
CA SER A 114 10.94 -1.57 -0.01
C SER A 114 10.67 -2.65 -1.06
N PHE A 115 10.03 -2.27 -2.17
CA PHE A 115 9.73 -3.20 -3.24
C PHE A 115 11.01 -3.76 -3.88
N TYR A 116 12.02 -2.90 -4.02
CA TYR A 116 13.31 -3.32 -4.52
C TYR A 116 13.89 -4.45 -3.63
N TYR A 117 13.82 -4.28 -2.31
CA TYR A 117 14.30 -5.31 -1.41
C TYR A 117 13.50 -6.62 -1.54
N GLN A 118 12.24 -6.54 -1.95
CA GLN A 118 11.43 -7.74 -2.14
C GLN A 118 11.68 -8.48 -3.47
N ARG A 119 12.56 -7.96 -4.32
CA ARG A 119 12.71 -8.52 -5.65
C ARG A 119 13.34 -9.90 -5.60
N THR A 120 12.82 -10.78 -6.44
CA THR A 120 13.36 -12.13 -6.65
C THR A 120 14.21 -12.17 -7.91
N ALA A 121 14.96 -13.24 -8.07
CA ALA A 121 15.68 -13.54 -9.30
C ALA A 121 16.73 -12.51 -9.66
N MET A 122 17.26 -11.81 -8.68
CA MET A 122 18.39 -10.93 -8.95
C MET A 122 19.20 -10.60 -7.71
N PRO A 123 20.49 -10.33 -7.90
CA PRO A 123 21.27 -9.95 -6.73
C PRO A 123 20.83 -8.58 -6.25
N ILE A 124 20.91 -8.41 -4.94
CA ILE A 124 20.50 -7.20 -4.26
C ILE A 124 21.80 -6.55 -3.80
N GLU A 125 22.38 -5.72 -4.67
CA GLU A 125 23.76 -5.26 -4.51
C GLU A 125 23.90 -4.07 -3.59
N GLU A 126 24.99 -4.04 -2.83
CA GLU A 126 25.22 -3.05 -1.79
C GLU A 126 25.11 -1.61 -2.30
N GLN A 127 25.54 -1.39 -3.53
CA GLN A 127 25.42 -0.09 -4.17
C GLN A 127 24.02 0.51 -4.00
N TYR A 128 22.99 -0.31 -4.18
CA TYR A 128 21.61 0.14 -4.09
C TYR A 128 21.00 -0.21 -2.73
N ALA A 129 21.49 -1.30 -2.12
CA ALA A 129 20.83 -1.92 -0.96
C ALA A 129 21.37 -1.46 0.37
N GLY A 130 22.56 -0.89 0.39
CA GLY A 130 23.20 -0.57 1.66
C GLY A 130 23.57 -1.86 2.40
N GLN A 131 23.45 -1.86 3.73
CA GLN A 131 23.89 -3.02 4.49
C GLN A 131 23.02 -4.26 4.26
N TRP A 132 21.82 -4.08 3.70
CA TRP A 132 20.92 -5.21 3.46
C TRP A 132 21.07 -5.79 2.06
N HIS A 133 22.33 -6.08 1.69
CA HIS A 133 22.62 -6.69 0.41
C HIS A 133 22.55 -8.20 0.53
N ARG A 134 22.21 -8.86 -0.58
CA ARG A 134 22.18 -10.31 -0.62
C ARG A 134 22.32 -10.84 -2.02
N MET A 135 22.57 -12.14 -2.11
CA MET A 135 22.69 -12.81 -3.38
C MET A 135 21.32 -12.99 -3.98
N ALA A 136 21.27 -13.30 -5.27
CA ALA A 136 20.01 -13.63 -5.91
C ALA A 136 19.36 -14.86 -5.22
N GLY A 137 18.04 -14.85 -5.16
CA GLY A 137 17.28 -15.98 -4.66
C GLY A 137 16.00 -16.19 -5.47
N HIS A 138 15.45 -17.39 -5.39
CA HIS A 138 14.23 -17.77 -6.12
C HIS A 138 14.25 -17.38 -7.61
N PRO A 139 15.14 -18.00 -8.38
CA PRO A 139 15.18 -17.73 -9.83
C PRO A 139 13.85 -18.05 -10.51
N ASP A 140 13.12 -19.02 -10.00
CA ASP A 140 11.80 -19.39 -10.52
C ASP A 140 11.85 -19.64 -12.03
N ASN A 141 12.96 -20.23 -12.49
CA ASN A 141 13.12 -20.64 -13.88
C ASN A 141 12.76 -22.11 -14.08
N HIS A 142 12.54 -22.80 -12.97
CA HIS A 142 12.16 -24.21 -13.01
C HIS A 142 10.92 -24.43 -12.16
N VAL A 143 9.76 -24.10 -12.72
CA VAL A 143 8.50 -24.10 -12.00
C VAL A 143 7.52 -25.09 -12.64
N LEU A 144 6.83 -25.85 -11.80
CA LEU A 144 5.95 -26.92 -12.26
C LEU A 144 4.51 -26.48 -12.42
N ILE A 145 3.88 -26.91 -13.50
CA ILE A 145 2.43 -26.84 -13.60
C ILE A 145 1.86 -27.82 -12.59
N HIS A 146 1.27 -27.30 -11.53
CA HIS A 146 0.51 -28.08 -10.56
C HIS A 146 -0.65 -28.76 -11.27
N PRO A 147 -1.11 -29.92 -10.75
CA PRO A 147 -2.26 -30.54 -11.39
C PRO A 147 -3.48 -29.62 -11.50
N SER A 148 -3.67 -28.72 -10.54
CA SER A 148 -4.80 -27.79 -10.58
C SER A 148 -4.69 -26.79 -11.74
N ALA A 149 -3.50 -26.64 -12.30
CA ALA A 149 -3.26 -25.66 -13.34
C ALA A 149 -3.11 -26.27 -14.74
N ALA A 150 -3.22 -27.60 -14.84
CA ALA A 150 -2.97 -28.28 -16.10
C ALA A 150 -3.87 -27.84 -17.24
N SER A 151 -3.30 -27.80 -18.44
CA SER A 151 -4.05 -27.52 -19.66
C SER A 151 -3.62 -28.51 -20.75
N PRO A 152 -4.35 -28.59 -21.88
CA PRO A 152 -4.02 -29.55 -22.94
C PRO A 152 -2.54 -29.58 -23.30
N ASP A 153 -1.97 -28.42 -23.59
CA ASP A 153 -0.58 -28.33 -23.98
C ASP A 153 0.37 -28.26 -22.78
N ARG A 154 -0.19 -28.23 -21.57
CA ARG A 154 0.61 -28.13 -20.34
C ARG A 154 0.07 -29.10 -19.29
N PRO A 155 0.42 -30.39 -19.42
CA PRO A 155 -0.01 -31.35 -18.41
C PRO A 155 0.72 -31.15 -17.09
N ALA A 156 0.11 -31.60 -16.00
CA ALA A 156 0.73 -31.56 -14.69
C ALA A 156 2.18 -32.01 -14.77
N GLY A 157 3.07 -31.22 -14.19
CA GLY A 157 4.48 -31.54 -14.20
C GLY A 157 5.28 -30.86 -15.28
N THR A 158 4.61 -30.25 -16.25
CA THR A 158 5.30 -29.45 -17.26
C THR A 158 6.10 -28.37 -16.54
N ILE A 159 7.30 -28.10 -17.03
CA ILE A 159 8.20 -27.13 -16.44
C ILE A 159 8.14 -25.83 -17.23
N VAL A 160 7.93 -24.73 -16.51
CA VAL A 160 7.88 -23.40 -17.10
C VAL A 160 8.81 -22.46 -16.36
N SER A 161 9.17 -21.37 -17.02
CA SER A 161 9.93 -20.33 -16.35
C SER A 161 8.97 -19.18 -16.03
N SER A 162 9.04 -18.70 -14.80
CA SER A 162 8.16 -17.62 -14.32
C SER A 162 8.95 -16.77 -13.31
N SER A 163 9.91 -16.02 -13.84
CA SER A 163 10.94 -15.35 -13.04
CA SER A 163 10.93 -15.36 -13.05
C SER A 163 10.63 -13.88 -12.83
N LYS A 164 11.35 -13.28 -11.89
CA LYS A 164 11.20 -11.88 -11.48
C LYS A 164 9.96 -11.74 -10.61
N GLY A 165 9.49 -10.52 -10.43
CA GLY A 165 8.44 -10.29 -9.47
C GLY A 165 8.92 -10.18 -8.03
N TRP A 166 8.04 -9.70 -7.17
CA TRP A 166 8.36 -9.51 -5.77
C TRP A 166 7.92 -10.68 -4.88
N TYR A 167 8.65 -10.95 -3.82
CA TYR A 167 8.09 -11.68 -2.71
C TYR A 167 6.88 -10.91 -2.19
N ASP A 168 5.79 -11.60 -1.88
CA ASP A 168 4.56 -10.94 -1.47
C ASP A 168 4.67 -10.17 -0.16
N ALA A 169 5.38 -10.73 0.83
CA ALA A 169 5.16 -10.27 2.19
C ALA A 169 6.22 -10.86 3.09
N GLY A 170 5.82 -11.34 4.27
CA GLY A 170 6.74 -12.03 5.13
C GLY A 170 7.13 -13.41 4.62
N ASP A 171 6.42 -13.91 3.61
CA ASP A 171 6.69 -15.17 2.91
C ASP A 171 7.32 -14.92 1.53
N TYR A 172 7.68 -15.99 0.83
CA TYR A 172 8.47 -15.90 -0.39
C TYR A 172 7.70 -16.28 -1.66
N ASN A 173 6.38 -16.36 -1.57
CA ASN A 173 5.55 -16.69 -2.70
C ASN A 173 5.08 -15.45 -3.47
N LYS A 174 4.58 -15.62 -4.68
CA LYS A 174 4.25 -14.50 -5.57
C LYS A 174 2.81 -14.67 -6.01
N TYR A 175 1.96 -13.68 -5.81
CA TYR A 175 0.52 -13.82 -5.99
C TYR A 175 -0.01 -12.77 -6.96
N ILE A 176 -0.75 -13.19 -7.99
CA ILE A 176 -1.23 -12.28 -9.01
C ILE A 176 -2.28 -11.28 -8.48
N VAL A 177 -3.19 -11.73 -7.65
CA VAL A 177 -4.22 -10.84 -7.13
C VAL A 177 -3.57 -9.72 -6.34
N ASN A 178 -2.72 -10.08 -5.39
CA ASN A 178 -2.20 -9.07 -4.50
C ASN A 178 -1.21 -8.15 -5.22
N SER A 179 -0.37 -8.69 -6.09
CA SER A 179 0.60 -7.81 -6.73
C SER A 179 -0.04 -6.95 -7.82
N GLY A 180 -1.04 -7.48 -8.51
CA GLY A 180 -1.79 -6.72 -9.48
C GLY A 180 -2.51 -5.56 -8.83
N TYR A 181 -3.19 -5.83 -7.73
CA TYR A 181 -3.85 -4.79 -6.94
C TYR A 181 -2.85 -3.74 -6.48
N SER A 182 -1.71 -4.19 -5.97
CA SER A 182 -0.72 -3.28 -5.42
C SER A 182 -0.20 -2.28 -6.46
N ILE A 183 0.18 -2.80 -7.62
CA ILE A 183 0.59 -1.96 -8.73
C ILE A 183 -0.57 -1.06 -9.15
N GLY A 184 -1.78 -1.59 -9.20
CA GLY A 184 -2.94 -0.81 -9.59
C GLY A 184 -3.15 0.41 -8.71
N LEU A 185 -2.92 0.25 -7.41
CA LEU A 185 -3.07 1.34 -6.46
C LEU A 185 -1.93 2.35 -6.64
N MET A 186 -0.69 1.89 -6.71
CA MET A 186 0.43 2.80 -6.82
C MET A 186 0.37 3.56 -8.13
N GLN A 187 -0.01 2.88 -9.19
CA GLN A 187 -0.12 3.52 -10.52
C GLN A 187 -1.33 4.46 -10.60
N SER A 188 -2.33 4.30 -9.74
CA SER A 188 -3.41 5.29 -9.65
C SER A 188 -2.83 6.61 -9.14
N ILE A 189 -2.01 6.57 -8.10
CA ILE A 189 -1.45 7.80 -7.55
C ILE A 189 -0.39 8.37 -8.50
N TYR A 190 0.38 7.50 -9.13
CA TYR A 190 1.34 7.94 -10.15
C TYR A 190 0.71 8.88 -11.19
N GLN A 191 -0.46 8.50 -11.68
CA GLN A 191 -1.14 9.26 -12.74
C GLN A 191 -1.54 10.65 -12.30
N LEU A 192 -1.67 10.88 -11.00
CA LEU A 192 -2.03 12.20 -10.46
C LEU A 192 -0.83 13.12 -10.29
N PHE A 193 0.38 12.56 -10.20
CA PHE A 193 1.57 13.30 -9.82
C PHE A 193 2.77 12.97 -10.69
N LEU A 194 2.60 13.17 -11.99
CA LEU A 194 3.64 12.78 -12.92
C LEU A 194 4.98 13.45 -12.68
N ASP A 195 4.96 14.78 -12.45
CA ASP A 195 6.20 15.52 -12.23
C ASP A 195 6.91 15.02 -10.98
N TYR A 196 6.15 14.78 -9.92
CA TYR A 196 6.72 14.29 -8.66
C TYR A 196 7.50 13.00 -8.88
N PHE A 197 6.85 12.06 -9.55
CA PHE A 197 7.48 10.78 -9.78
C PHE A 197 8.59 10.81 -10.82
N SER A 198 8.53 11.77 -11.74
CA SER A 198 9.60 11.91 -12.72
C SER A 198 10.89 12.35 -12.06
N ARG A 199 10.77 13.22 -11.05
CA ARG A 199 11.92 13.75 -10.33
C ARG A 199 12.43 12.85 -9.20
N GLN A 200 11.60 11.93 -8.72
CA GLN A 200 11.97 11.07 -7.62
C GLN A 200 13.08 10.11 -8.01
N LYS A 201 14.14 10.04 -7.23
CA LYS A 201 15.19 9.05 -7.47
C LYS A 201 15.51 8.31 -6.18
N ILE A 202 15.40 6.99 -6.24
CA ILE A 202 15.48 6.16 -5.03
C ILE A 202 16.67 5.20 -5.01
N ASN A 203 17.61 5.41 -5.90
CA ASN A 203 18.83 4.61 -5.96
C ASN A 203 18.54 3.12 -6.10
N ILE A 204 17.85 2.78 -7.18
CA ILE A 204 17.67 1.42 -7.65
C ILE A 204 18.50 1.26 -8.93
N PRO A 205 18.69 0.02 -9.40
CA PRO A 205 19.52 -0.16 -10.59
C PRO A 205 19.03 0.65 -11.80
N GLU A 206 17.74 0.97 -11.81
CA GLU A 206 17.12 1.65 -12.94
C GLU A 206 17.05 3.17 -12.73
N SER A 207 17.74 3.69 -11.73
CA SER A 207 17.66 5.11 -11.42
C SER A 207 18.31 6.03 -12.45
N ASN A 208 19.13 5.47 -13.34
CA ASN A 208 19.80 6.33 -14.34
C ASN A 208 19.29 6.14 -15.75
N ASN A 209 18.14 5.49 -15.91
CA ASN A 209 17.53 5.37 -17.23
C ASN A 209 16.57 6.54 -17.48
N HIS A 210 15.71 6.41 -18.48
CA HIS A 210 14.82 7.49 -18.89
C HIS A 210 13.38 7.33 -18.41
N THR A 211 13.18 6.44 -17.44
CA THR A 211 11.84 6.06 -17.00
C THR A 211 11.70 6.42 -15.52
N PRO A 212 10.54 6.96 -15.13
CA PRO A 212 10.34 7.18 -13.68
C PRO A 212 10.54 5.90 -12.87
N ASP A 213 11.27 6.06 -11.79
CA ASP A 213 11.68 4.93 -10.95
C ASP A 213 10.49 4.13 -10.41
N LEU A 214 9.39 4.79 -10.07
CA LEU A 214 8.19 4.04 -9.67
C LEU A 214 7.78 3.06 -10.76
N LEU A 215 7.80 3.50 -12.03
CA LEU A 215 7.42 2.61 -13.11
C LEU A 215 8.46 1.52 -13.34
N ASP A 216 9.74 1.82 -13.19
CA ASP A 216 10.75 0.75 -13.23
C ASP A 216 10.43 -0.35 -12.23
N GLU A 217 10.10 0.06 -11.02
CA GLU A 217 9.82 -0.91 -9.99
C GLU A 217 8.58 -1.74 -10.33
N MET A 218 7.51 -1.08 -10.75
CA MET A 218 6.32 -1.81 -11.13
C MET A 218 6.66 -2.81 -12.21
N GLN A 219 7.46 -2.39 -13.19
CA GLN A 219 7.73 -3.26 -14.33
C GLN A 219 8.43 -4.53 -13.91
N PHE A 220 9.22 -4.46 -12.84
CA PHE A 220 9.92 -5.65 -12.37
C PHE A 220 8.92 -6.76 -12.04
N ASN A 221 7.77 -6.38 -11.49
CA ASN A 221 6.72 -7.32 -11.21
C ASN A 221 5.80 -7.54 -12.43
N LEU A 222 5.46 -6.50 -13.18
CA LEU A 222 4.66 -6.68 -14.40
C LEU A 222 5.28 -7.70 -15.35
N ASP A 223 6.59 -7.66 -15.47
CA ASP A 223 7.28 -8.58 -16.38
C ASP A 223 7.06 -10.02 -15.92
N TRP A 224 7.16 -10.26 -14.61
CA TRP A 224 6.81 -11.57 -14.09
C TRP A 224 5.34 -11.92 -14.37
N MET A 225 4.42 -10.97 -14.13
CA MET A 225 3.00 -11.25 -14.30
C MET A 225 2.68 -11.78 -15.70
N LEU A 226 3.32 -11.21 -16.72
CA LEU A 226 3.13 -11.68 -18.10
C LEU A 226 3.35 -13.19 -18.23
N THR A 227 4.32 -13.72 -17.48
CA THR A 227 4.65 -15.16 -17.54
C THR A 227 3.62 -16.05 -16.86
N MET A 228 2.66 -15.47 -16.15
CA MET A 228 1.64 -16.21 -15.44
C MET A 228 0.37 -16.41 -16.26
N GLN A 229 0.40 -15.94 -17.51
CA GLN A 229 -0.70 -16.10 -18.45
C GLN A 229 -0.43 -17.29 -19.38
N ASP A 230 -1.39 -18.20 -19.46
CA ASP A 230 -1.33 -19.35 -20.36
C ASP A 230 -1.43 -18.79 -21.79
N PRO A 231 -0.41 -19.05 -22.64
CA PRO A 231 -0.40 -18.44 -23.97
C PRO A 231 -1.49 -18.95 -24.89
N GLU A 232 -2.21 -20.00 -24.49
CA GLU A 232 -3.34 -20.48 -25.28
C GLU A 232 -4.62 -19.78 -24.87
N ASP A 233 -5.22 -20.19 -23.76
CA ASP A 233 -6.56 -19.70 -23.43
C ASP A 233 -6.61 -18.32 -22.76
N GLY A 234 -5.45 -17.75 -22.45
CA GLY A 234 -5.40 -16.40 -21.88
C GLY A 234 -5.62 -16.32 -20.37
N GLY A 235 -5.90 -17.45 -19.73
CA GLY A 235 -6.12 -17.47 -18.30
C GLY A 235 -4.83 -17.25 -17.53
N VAL A 236 -4.97 -16.90 -16.26
CA VAL A 236 -3.83 -16.49 -15.43
C VAL A 236 -3.82 -17.31 -14.14
N TYR A 237 -2.68 -17.95 -13.87
CA TYR A 237 -2.53 -18.78 -12.67
C TYR A 237 -2.61 -17.88 -11.46
N HIS A 238 -3.28 -18.35 -10.41
CA HIS A 238 -3.56 -17.52 -9.23
C HIS A 238 -2.28 -17.08 -8.53
N LYS A 239 -1.33 -17.99 -8.35
CA LYS A 239 -0.09 -17.66 -7.65
C LYS A 239 1.02 -18.64 -8.04
N LEU A 240 2.24 -18.27 -7.70
CA LEU A 240 3.43 -19.10 -7.84
C LEU A 240 3.91 -19.35 -6.42
N THR A 241 3.96 -20.61 -6.02
CA THR A 241 4.09 -20.94 -4.61
C THR A 241 4.78 -22.28 -4.37
N THR A 242 5.32 -22.43 -3.17
CA THR A 242 5.71 -23.74 -2.66
C THR A 242 4.46 -24.34 -2.05
N PRO A 243 4.48 -25.66 -1.79
CA PRO A 243 3.28 -26.22 -1.15
C PRO A 243 3.05 -25.72 0.28
N PHE A 244 4.14 -25.57 1.04
CA PHE A 244 4.07 -25.04 2.39
C PHE A 244 4.90 -23.75 2.50
N PHE A 245 4.55 -22.92 3.45
CA PHE A 245 5.43 -21.82 3.81
C PHE A 245 6.76 -22.38 4.27
N GLU A 246 7.85 -21.78 3.84
CA GLU A 246 9.18 -22.06 4.32
C GLU A 246 9.38 -21.62 5.75
N GLY A 247 10.41 -22.16 6.40
CA GLY A 247 10.80 -21.63 7.69
C GLY A 247 11.44 -20.27 7.52
N PHE A 248 11.94 -19.73 8.62
CA PHE A 248 12.60 -18.43 8.63
C PHE A 248 14.06 -18.58 8.22
N VAL A 249 14.24 -18.82 6.92
CA VAL A 249 15.54 -19.07 6.33
C VAL A 249 15.78 -18.10 5.19
N LYS A 250 17.04 -17.95 4.79
CA LYS A 250 17.39 -17.07 3.69
C LYS A 250 16.86 -17.62 2.37
N PRO A 251 16.58 -16.75 1.40
CA PRO A 251 16.11 -17.29 0.12
C PRO A 251 17.03 -18.36 -0.52
N VAL A 252 18.34 -18.19 -0.43
CA VAL A 252 19.25 -19.16 -1.03
C VAL A 252 19.19 -20.53 -0.36
N ASP A 253 18.65 -20.60 0.85
CA ASP A 253 18.52 -21.87 1.57
C ASP A 253 17.14 -22.54 1.41
N CYS A 254 16.27 -21.94 0.59
CA CYS A 254 14.96 -22.50 0.34
C CYS A 254 15.06 -23.64 -0.66
N LYS A 255 14.37 -24.74 -0.40
CA LYS A 255 14.55 -25.94 -1.21
C LYS A 255 13.25 -26.54 -1.73
N GLN A 256 12.10 -26.09 -1.24
CA GLN A 256 10.83 -26.62 -1.74
C GLN A 256 10.62 -26.35 -3.22
N GLN A 257 9.89 -27.24 -3.86
CA GLN A 257 9.58 -27.09 -5.28
C GLN A 257 8.55 -25.95 -5.47
N ARG A 258 8.71 -25.21 -6.55
CA ARG A 258 7.82 -24.09 -6.90
C ARG A 258 6.80 -24.49 -7.96
N TYR A 259 5.54 -24.11 -7.73
CA TYR A 259 4.42 -24.44 -8.61
C TYR A 259 3.64 -23.21 -9.02
N VAL A 260 3.03 -23.25 -10.20
CA VAL A 260 1.91 -22.36 -10.51
C VAL A 260 0.63 -23.18 -10.37
N VAL A 261 -0.38 -22.57 -9.76
CA VAL A 261 -1.62 -23.25 -9.47
C VAL A 261 -2.81 -22.69 -10.27
N GLN A 262 -3.97 -23.28 -9.98
CA GLN A 262 -5.25 -23.03 -10.64
C GLN A 262 -5.46 -21.59 -11.12
N LYS A 263 -5.86 -21.44 -12.37
CA LYS A 263 -6.31 -20.17 -12.90
C LYS A 263 -7.54 -19.68 -12.15
N SER A 264 -7.63 -18.38 -11.88
CA SER A 264 -8.80 -17.82 -11.18
C SER A 264 -9.32 -16.60 -11.92
N VAL A 265 -10.61 -16.32 -11.73
CA VAL A 265 -11.25 -15.20 -12.41
C VAL A 265 -10.69 -13.89 -11.88
N THR A 266 -10.41 -13.84 -10.58
CA THR A 266 -9.86 -12.62 -9.98
C THR A 266 -8.42 -12.37 -10.42
N ALA A 267 -7.62 -13.42 -10.51
CA ALA A 267 -6.27 -13.25 -11.08
C ALA A 267 -6.32 -12.71 -12.49
N ALA A 268 -7.20 -13.30 -13.31
CA ALA A 268 -7.33 -12.87 -14.68
C ALA A 268 -7.74 -11.41 -14.76
N LEU A 269 -8.70 -11.02 -13.94
CA LEU A 269 -9.21 -9.65 -13.98
C LEU A 269 -8.22 -8.62 -13.42
N ASP A 270 -7.59 -8.92 -12.28
CA ASP A 270 -6.60 -7.98 -11.73
C ASP A 270 -5.41 -7.87 -12.69
N PHE A 271 -5.02 -8.98 -13.34
CA PHE A 271 -4.05 -8.94 -14.41
C PHE A 271 -4.52 -8.05 -15.57
N ALA A 272 -5.77 -8.24 -16.01
CA ALA A 272 -6.29 -7.47 -17.13
C ALA A 272 -6.30 -5.98 -16.81
N ALA A 273 -6.77 -5.64 -15.60
CA ALA A 273 -6.88 -4.24 -15.21
C ALA A 273 -5.52 -3.58 -15.18
N VAL A 274 -4.56 -4.21 -14.49
CA VAL A 274 -3.26 -3.60 -14.33
C VAL A 274 -2.48 -3.58 -15.63
N MET A 275 -2.71 -4.56 -16.50
CA MET A 275 -2.01 -4.57 -17.77
C MET A 275 -2.59 -3.48 -18.72
N ALA A 276 -3.90 -3.34 -18.71
CA ALA A 276 -4.54 -2.26 -19.48
C ALA A 276 -4.07 -0.88 -18.96
N GLN A 277 -4.07 -0.70 -17.63
CA GLN A 277 -3.53 0.50 -17.02
C GLN A 277 -2.08 0.74 -17.45
N SER A 278 -1.25 -0.29 -17.25
CA SER A 278 0.17 -0.18 -17.57
C SER A 278 0.45 0.14 -19.04
N SER A 279 -0.40 -0.39 -19.93
CA SER A 279 -0.25 -0.12 -21.36
C SER A 279 -0.20 1.38 -21.61
N ARG A 280 -1.09 2.13 -20.96
CA ARG A 280 -1.11 3.58 -21.14
C ARG A 280 0.12 4.24 -20.54
N LEU A 281 0.50 3.81 -19.34
CA LEU A 281 1.56 4.51 -18.62
C LEU A 281 2.93 4.28 -19.21
N PHE A 282 3.14 3.13 -19.88
CA PHE A 282 4.44 2.81 -20.42
C PHE A 282 4.55 3.18 -21.92
N ALA A 283 3.50 3.77 -22.48
CA ALA A 283 3.50 4.17 -23.90
C ALA A 283 4.64 5.13 -24.25
N SER A 284 4.97 6.02 -23.33
CA SER A 284 6.07 6.97 -23.50
C SER A 284 7.46 6.39 -23.28
N TYR A 285 7.57 5.13 -22.84
CA TYR A 285 8.85 4.59 -22.41
C TYR A 285 9.26 3.36 -23.23
N GLU A 286 9.09 3.50 -24.54
CA GLU A 286 9.50 2.47 -25.47
C GLU A 286 11.01 2.32 -25.48
N GLU A 287 11.73 3.38 -25.14
CA GLU A 287 13.19 3.31 -25.09
C GLU A 287 13.68 2.28 -24.10
N ASP A 288 13.16 2.34 -22.88
CA ASP A 288 13.60 1.44 -21.84
C ASP A 288 12.77 0.16 -21.78
N TYR A 289 11.53 0.24 -22.23
CA TYR A 289 10.64 -0.93 -22.23
C TYR A 289 10.01 -1.18 -23.60
N PRO A 290 10.86 -1.54 -24.58
CA PRO A 290 10.37 -1.68 -25.95
C PRO A 290 9.33 -2.76 -26.09
N GLY A 291 8.19 -2.41 -26.68
CA GLY A 291 7.14 -3.37 -26.93
C GLY A 291 6.21 -3.68 -25.79
N PHE A 292 6.50 -3.19 -24.58
CA PHE A 292 5.68 -3.60 -23.45
C PHE A 292 4.24 -3.07 -23.51
N SER A 293 4.09 -1.79 -23.84
CA SER A 293 2.75 -1.21 -23.89
CA SER A 293 2.75 -1.19 -23.92
C SER A 293 1.82 -2.05 -24.77
N LYS A 294 2.27 -2.37 -25.98
CA LYS A 294 1.48 -3.19 -26.90
C LYS A 294 1.22 -4.59 -26.36
N ARG A 295 2.27 -5.22 -25.86
CA ARG A 295 2.12 -6.56 -25.30
C ARG A 295 1.15 -6.60 -24.12
N ALA A 296 1.22 -5.58 -23.25
CA ALA A 296 0.35 -5.55 -22.07
C ALA A 296 -1.10 -5.47 -22.46
N LEU A 297 -1.40 -4.63 -23.45
CA LEU A 297 -2.79 -4.45 -23.86
C LEU A 297 -3.34 -5.74 -24.50
N LEU A 298 -2.55 -6.37 -25.35
CA LEU A 298 -2.98 -7.62 -25.97
C LEU A 298 -3.24 -8.67 -24.91
N ALA A 299 -2.34 -8.75 -23.93
CA ALA A 299 -2.46 -9.70 -22.84
C ALA A 299 -3.69 -9.43 -21.98
N ALA A 300 -3.94 -8.14 -21.73
CA ALA A 300 -5.10 -7.75 -20.95
C ALA A 300 -6.42 -8.18 -21.56
N GLU A 301 -6.54 -7.99 -22.88
CA GLU A 301 -7.78 -8.31 -23.58
C GLU A 301 -8.00 -9.82 -23.58
N LYS A 302 -6.92 -10.58 -23.73
CA LYS A 302 -7.02 -12.04 -23.66
C LYS A 302 -7.40 -12.50 -22.25
N ALA A 303 -6.86 -11.86 -21.21
CA ALA A 303 -7.22 -12.25 -19.85
C ALA A 303 -8.67 -11.92 -19.53
N TYR A 304 -9.13 -10.74 -19.97
CA TYR A 304 -10.51 -10.37 -19.72
C TYR A 304 -11.45 -11.35 -20.43
N ALA A 305 -11.11 -11.70 -21.66
CA ALA A 305 -11.88 -12.68 -22.41
C ALA A 305 -12.00 -13.99 -21.64
N TRP A 306 -10.88 -14.47 -21.09
CA TRP A 306 -10.91 -15.70 -20.29
C TRP A 306 -11.87 -15.54 -19.12
N ALA A 307 -11.78 -14.41 -18.42
CA ALA A 307 -12.65 -14.18 -17.28
C ALA A 307 -14.14 -14.17 -17.65
N GLU A 308 -14.47 -13.59 -18.79
CA GLU A 308 -15.84 -13.60 -19.28
C GLU A 308 -16.36 -15.03 -19.45
N LYS A 309 -15.50 -15.91 -19.95
CA LYS A 309 -15.88 -17.31 -20.16
C LYS A 309 -15.99 -18.07 -18.83
N HIS A 310 -15.23 -17.62 -17.83
CA HIS A 310 -15.18 -18.31 -16.54
C HIS A 310 -15.41 -17.37 -15.35
N PRO A 311 -16.58 -16.73 -15.31
CA PRO A 311 -16.87 -15.65 -14.36
C PRO A 311 -16.98 -16.05 -12.89
N GLU A 312 -17.11 -17.34 -12.61
CA GLU A 312 -17.27 -17.80 -11.24
C GLU A 312 -16.15 -18.74 -10.81
N ALA A 313 -15.07 -18.74 -11.59
CA ALA A 313 -13.87 -19.53 -11.31
C ALA A 313 -13.04 -18.95 -10.16
N TYR A 314 -13.62 -18.98 -8.97
CA TYR A 314 -12.95 -18.50 -7.77
C TYR A 314 -11.82 -19.42 -7.33
N TYR A 315 -10.89 -18.88 -6.55
CA TYR A 315 -9.81 -19.67 -6.00
C TYR A 315 -10.21 -20.09 -4.62
N ASN A 316 -10.57 -21.37 -4.49
CA ASN A 316 -10.84 -21.97 -3.19
C ASN A 316 -9.79 -23.03 -2.91
N GLN A 317 -8.94 -22.77 -1.92
CA GLN A 317 -7.78 -23.62 -1.71
C GLN A 317 -8.18 -24.95 -1.08
N ASN A 318 -9.11 -24.89 -0.15
CA ASN A 318 -9.64 -26.11 0.47
C ASN A 318 -10.21 -27.08 -0.57
N LEU A 319 -10.99 -26.58 -1.52
CA LEU A 319 -11.53 -27.43 -2.56
C LEU A 319 -10.45 -27.93 -3.50
N LEU A 320 -9.44 -27.10 -3.73
CA LEU A 320 -8.34 -27.47 -4.60
C LEU A 320 -7.59 -28.64 -3.97
N ASN A 321 -7.42 -28.57 -2.65
CA ASN A 321 -6.64 -29.57 -1.93
C ASN A 321 -7.35 -30.93 -1.87
N GLN A 322 -8.66 -30.93 -2.07
CA GLN A 322 -9.43 -32.17 -2.09
C GLN A 322 -9.35 -32.89 -3.42
N LYS A 323 -8.86 -32.20 -4.45
CA LYS A 323 -8.85 -32.71 -5.79
C LYS A 323 -7.46 -32.92 -6.34
N TYR A 324 -6.47 -32.26 -5.73
CA TYR A 324 -5.14 -32.16 -6.31
C TYR A 324 -4.03 -32.26 -5.27
N GLN A 325 -2.89 -32.75 -5.71
CA GLN A 325 -1.73 -32.94 -4.85
C GLN A 325 -0.50 -32.46 -5.59
N PRO A 326 0.48 -31.90 -4.87
CA PRO A 326 0.52 -31.72 -3.42
C PRO A 326 -0.43 -30.64 -2.95
N ALA A 327 -0.88 -30.75 -1.70
CA ALA A 327 -1.75 -29.75 -1.13
C ALA A 327 -0.98 -28.43 -1.06
N ILE A 328 -1.69 -27.32 -1.27
CA ILE A 328 -1.10 -25.99 -1.20
C ILE A 328 -1.62 -25.30 0.04
N ALA A 329 -0.74 -24.73 0.88
CA ALA A 329 -1.16 -24.15 2.15
C ALA A 329 -0.68 -22.72 2.39
N THR A 330 -0.27 -22.07 1.31
CA THR A 330 0.23 -20.69 1.38
C THR A 330 -0.95 -19.74 1.17
N GLY A 331 -0.69 -18.43 1.00
CA GLY A 331 -1.78 -17.45 1.05
C GLY A 331 -2.90 -17.70 0.05
N GLU A 332 -4.14 -17.66 0.50
CA GLU A 332 -5.25 -18.01 -0.37
C GLU A 332 -5.62 -16.89 -1.32
N TYR A 333 -5.77 -15.67 -0.79
CA TYR A 333 -6.33 -14.55 -1.58
C TYR A 333 -7.58 -15.01 -2.30
N GLY A 334 -8.52 -15.54 -1.52
CA GLY A 334 -9.77 -16.06 -2.05
C GLY A 334 -10.85 -15.00 -2.06
N ASP A 335 -11.83 -15.19 -2.93
CA ASP A 335 -12.86 -14.19 -3.14
C ASP A 335 -13.97 -14.81 -3.99
N THR A 336 -15.21 -14.69 -3.55
CA THR A 336 -16.35 -15.17 -4.35
C THR A 336 -17.16 -14.02 -4.94
N HIS A 337 -16.62 -12.80 -4.85
CA HIS A 337 -17.28 -11.61 -5.36
C HIS A 337 -16.36 -10.92 -6.35
N ALA A 338 -16.57 -11.19 -7.63
CA ALA A 338 -15.70 -10.68 -8.68
C ALA A 338 -16.25 -9.43 -9.41
N ASP A 339 -17.40 -8.91 -8.96
CA ASP A 339 -17.99 -7.75 -9.65
C ASP A 339 -17.03 -6.57 -9.68
N ASP A 340 -16.34 -6.35 -8.56
CA ASP A 340 -15.45 -5.19 -8.45
C ASP A 340 -14.22 -5.31 -9.35
N GLU A 341 -13.71 -6.53 -9.51
CA GLU A 341 -12.59 -6.78 -10.41
C GLU A 341 -13.07 -6.62 -11.88
N PHE A 342 -14.28 -7.09 -12.18
CA PHE A 342 -14.85 -6.85 -13.51
C PHE A 342 -14.98 -5.33 -13.74
N PHE A 343 -15.42 -4.60 -12.72
CA PHE A 343 -15.59 -3.15 -12.88
C PHE A 343 -14.27 -2.46 -13.13
N TRP A 344 -13.27 -2.81 -12.33
CA TRP A 344 -11.95 -2.19 -12.49
C TRP A 344 -11.34 -2.54 -13.85
N ALA A 345 -11.34 -3.82 -14.20
CA ALA A 345 -10.81 -4.24 -15.49
C ALA A 345 -11.53 -3.62 -16.70
N ALA A 346 -12.85 -3.65 -16.68
CA ALA A 346 -13.61 -3.11 -17.81
C ALA A 346 -13.33 -1.61 -17.91
N SER A 347 -13.25 -0.93 -16.77
CA SER A 347 -12.96 0.52 -16.77
C SER A 347 -11.59 0.81 -17.39
N GLU A 348 -10.55 0.07 -16.97
CA GLU A 348 -9.24 0.27 -17.52
C GLU A 348 -9.23 -0.03 -19.03
N LEU A 349 -9.89 -1.12 -19.42
CA LEU A 349 -9.91 -1.47 -20.83
C LEU A 349 -10.66 -0.43 -21.66
N TYR A 350 -11.73 0.12 -21.11
CA TYR A 350 -12.41 1.22 -21.77
C TYR A 350 -11.47 2.43 -21.96
N PHE A 351 -10.73 2.80 -20.93
CA PHE A 351 -9.87 3.98 -21.06
C PHE A 351 -8.66 3.73 -21.95
N SER A 352 -8.18 2.49 -22.01
CA SER A 352 -7.06 2.17 -22.89
C SER A 352 -7.44 1.93 -24.37
N THR A 353 -8.67 1.48 -24.63
CA THR A 353 -9.06 1.12 -26.00
C THR A 353 -10.14 2.03 -26.57
N GLY A 354 -10.91 2.67 -25.70
CA GLY A 354 -12.02 3.49 -26.14
C GLY A 354 -13.26 2.70 -26.53
N LYS A 355 -13.19 1.39 -26.44
CA LYS A 355 -14.30 0.54 -26.93
C LYS A 355 -15.53 0.52 -26.03
N GLU A 356 -16.67 0.83 -26.62
CA GLU A 356 -17.94 0.91 -25.90
C GLU A 356 -18.32 -0.42 -25.27
N ILE A 357 -17.86 -1.52 -25.86
CA ILE A 357 -18.19 -2.83 -25.34
C ILE A 357 -17.63 -2.99 -23.92
N TYR A 358 -16.47 -2.41 -23.65
CA TYR A 358 -15.91 -2.42 -22.29
C TYR A 358 -16.64 -1.45 -21.35
N ARG A 359 -16.97 -0.26 -21.84
CA ARG A 359 -17.75 0.70 -21.07
C ARG A 359 -19.04 0.07 -20.51
N GLU A 360 -19.76 -0.65 -21.36
CA GLU A 360 -21.03 -1.22 -20.93
C GLU A 360 -20.81 -2.20 -19.81
N GLU A 361 -19.72 -2.95 -19.85
CA GLU A 361 -19.41 -3.88 -18.76
C GLU A 361 -19.12 -3.13 -17.46
N ALA A 362 -18.39 -2.03 -17.54
CA ALA A 362 -18.14 -1.19 -16.36
C ALA A 362 -19.44 -0.65 -15.77
N ILE A 363 -20.30 -0.12 -16.62
CA ILE A 363 -21.57 0.44 -16.14
C ILE A 363 -22.44 -0.62 -15.49
N LYS A 364 -22.50 -1.81 -16.08
CA LYS A 364 -23.28 -2.92 -15.53
C LYS A 364 -22.81 -3.28 -14.12
N LYS A 365 -21.50 -3.22 -13.91
CA LYS A 365 -20.91 -3.67 -12.65
C LYS A 365 -20.59 -2.50 -11.70
N ALA A 366 -21.18 -1.34 -11.93
CA ALA A 366 -20.79 -0.17 -11.15
C ALA A 366 -21.12 -0.30 -9.68
N PRO A 367 -20.21 0.17 -8.82
CA PRO A 367 -20.53 0.21 -7.39
C PRO A 367 -21.62 1.23 -7.06
N GLN A 368 -22.41 0.93 -6.05
CA GLN A 368 -23.48 1.81 -5.62
CA GLN A 368 -23.48 1.82 -5.62
C GLN A 368 -22.98 2.81 -4.56
N ILE A 369 -21.89 2.42 -3.87
CA ILE A 369 -21.32 3.20 -2.78
C ILE A 369 -19.78 3.22 -2.95
N TYR A 370 -19.10 4.20 -2.36
CA TYR A 370 -17.64 4.20 -2.34
C TYR A 370 -17.13 3.44 -1.11
N THR A 371 -16.16 2.55 -1.32
CA THR A 371 -15.45 1.89 -0.23
C THR A 371 -13.97 2.01 -0.56
N ALA A 372 -13.13 2.07 0.47
CA ALA A 372 -11.69 2.24 0.27
C ALA A 372 -11.14 1.05 -0.48
N PRO A 373 -10.01 1.24 -1.19
CA PRO A 373 -9.40 0.11 -1.90
C PRO A 373 -8.84 -0.97 -0.96
N GLY A 374 -8.87 -2.20 -1.44
CA GLY A 374 -8.21 -3.34 -0.81
C GLY A 374 -8.01 -4.42 -1.83
N TRP A 375 -7.15 -5.38 -1.52
CA TRP A 375 -6.78 -6.38 -2.53
C TRP A 375 -7.97 -7.13 -3.13
N GLY A 376 -9.01 -7.34 -2.33
CA GLY A 376 -10.17 -8.09 -2.77
C GLY A 376 -11.35 -7.21 -3.12
N ASN A 377 -11.17 -5.90 -2.99
CA ASN A 377 -12.22 -4.93 -3.26
C ASN A 377 -11.65 -3.79 -4.09
N THR A 378 -11.73 -3.98 -5.40
CA THR A 378 -11.04 -3.08 -6.33
C THR A 378 -11.98 -2.03 -6.93
N PHE A 379 -13.18 -1.88 -6.37
CA PHE A 379 -14.09 -0.83 -6.89
C PHE A 379 -13.39 0.51 -6.93
N ALA A 380 -12.71 0.86 -5.85
CA ALA A 380 -12.08 2.16 -5.78
C ALA A 380 -11.08 2.41 -6.89
N LEU A 381 -10.39 1.38 -7.34
CA LEU A 381 -9.39 1.57 -8.36
C LEU A 381 -10.08 1.93 -9.67
N GLY A 382 -11.24 1.34 -9.88
CA GLY A 382 -12.03 1.71 -11.05
C GLY A 382 -12.54 3.14 -10.93
N ILE A 383 -13.01 3.49 -9.73
CA ILE A 383 -13.53 4.83 -9.47
C ILE A 383 -12.42 5.86 -9.72
N PHE A 384 -11.21 5.59 -9.23
CA PHE A 384 -10.14 6.55 -9.40
C PHE A 384 -9.89 6.81 -10.90
N ALA A 385 -10.00 5.76 -11.70
CA ALA A 385 -9.80 5.88 -13.14
C ALA A 385 -10.85 6.80 -13.77
N TRP A 386 -12.12 6.57 -13.43
CA TRP A 386 -13.20 7.45 -13.90
C TRP A 386 -13.07 8.91 -13.46
N LEU A 387 -12.45 9.16 -12.30
CA LEU A 387 -12.33 10.51 -11.74
C LEU A 387 -11.07 11.24 -12.19
N GLN A 388 -10.23 10.58 -12.99
CA GLN A 388 -8.98 11.17 -13.44
C GLN A 388 -9.19 12.42 -14.28
N PRO A 389 -8.47 13.51 -13.96
CA PRO A 389 -8.61 14.74 -14.74
C PRO A 389 -7.92 14.69 -16.09
N GLY A 390 -8.19 15.72 -16.90
CA GLY A 390 -7.57 15.84 -18.22
C GLY A 390 -8.16 14.92 -19.27
N ARG A 391 -8.92 13.93 -18.83
CA ARG A 391 -9.58 13.02 -19.76
C ARG A 391 -10.91 13.63 -20.16
N GLU A 392 -11.07 13.85 -21.46
CA GLU A 392 -12.24 14.56 -21.99
C GLU A 392 -13.47 13.66 -22.15
N LEU A 393 -14.26 13.54 -21.09
CA LEU A 393 -15.40 12.63 -21.10
C LEU A 393 -16.63 13.25 -21.74
N ASN A 394 -17.37 12.42 -22.50
CA ASN A 394 -18.63 12.85 -23.07
C ASN A 394 -19.72 13.01 -22.02
N GLU A 395 -20.91 13.45 -22.42
CA GLU A 395 -21.96 13.76 -21.48
C GLU A 395 -22.32 12.58 -20.57
N ALA A 396 -22.52 11.40 -21.15
CA ALA A 396 -22.93 10.24 -20.38
C ALA A 396 -21.81 9.83 -19.42
N ASP A 397 -20.58 9.87 -19.91
CA ASP A 397 -19.43 9.46 -19.09
C ASP A 397 -19.19 10.44 -17.95
N ARG A 398 -19.38 11.73 -18.20
CA ARG A 398 -19.24 12.73 -17.15
C ARG A 398 -20.32 12.57 -16.11
N ARG A 399 -21.53 12.23 -16.53
CA ARG A 399 -22.62 12.00 -15.62
C ARG A 399 -22.30 10.80 -14.72
N PHE A 400 -21.76 9.74 -15.30
CA PHE A 400 -21.40 8.57 -14.53
C PHE A 400 -20.28 8.92 -13.54
N ALA A 401 -19.22 9.55 -14.01
CA ALA A 401 -18.14 9.98 -13.11
C ALA A 401 -18.68 10.84 -11.98
N ASP A 402 -19.55 11.80 -12.31
CA ASP A 402 -20.12 12.69 -11.29
C ASP A 402 -20.85 11.89 -10.21
N SER A 403 -21.54 10.81 -10.60
CA SER A 403 -22.25 9.99 -9.63
C SER A 403 -21.26 9.29 -8.70
N LEU A 404 -20.10 8.90 -9.24
CA LEU A 404 -19.10 8.23 -8.42
C LEU A 404 -18.43 9.24 -7.49
N LYS A 405 -18.22 10.46 -7.96
CA LYS A 405 -17.71 11.53 -7.13
C LYS A 405 -18.64 11.77 -5.94
N THR A 406 -19.94 11.82 -6.21
CA THR A 406 -20.92 12.00 -5.14
C THR A 406 -20.75 10.93 -4.07
N GLU A 407 -20.56 9.68 -4.47
CA GLU A 407 -20.41 8.60 -3.51
C GLU A 407 -19.10 8.73 -2.74
N LEU A 408 -18.04 9.14 -3.41
CA LEU A 408 -16.76 9.35 -2.71
C LEU A 408 -16.92 10.42 -1.62
N LEU A 409 -17.65 11.48 -1.93
CA LEU A 409 -17.80 12.60 -1.00
C LEU A 409 -18.71 12.23 0.17
N LYS A 410 -19.69 11.38 -0.09
CA LYS A 410 -20.57 10.90 0.96
C LYS A 410 -19.77 10.08 1.96
N TYR A 411 -18.90 9.22 1.44
CA TYR A 411 -18.00 8.41 2.26
C TYR A 411 -17.09 9.34 3.06
N ALA A 412 -16.48 10.32 2.41
CA ALA A 412 -15.50 11.20 3.04
C ALA A 412 -16.12 12.01 4.16
N ASP A 413 -17.32 12.54 3.92
CA ASP A 413 -17.99 13.35 4.93
C ASP A 413 -18.27 12.52 6.17
N LYS A 414 -18.63 11.26 5.98
CA LYS A 414 -18.93 10.38 7.11
C LYS A 414 -17.65 10.07 7.90
N VAL A 415 -16.57 9.82 7.18
CA VAL A 415 -15.29 9.48 7.81
C VAL A 415 -14.77 10.62 8.69
N ILE A 416 -14.94 11.87 8.29
CA ILE A 416 -14.32 12.99 8.99
C ILE A 416 -15.19 13.53 10.11
N GLU A 417 -16.40 13.01 10.21
CA GLU A 417 -17.35 13.49 11.21
C GLU A 417 -16.77 13.27 12.60
N GLY A 418 -16.53 14.36 13.34
CA GLY A 418 -16.10 14.26 14.72
C GLY A 418 -14.61 14.02 14.90
N ALA A 419 -13.87 14.01 13.80
CA ALA A 419 -12.44 13.70 13.87
C ALA A 419 -11.68 14.65 14.81
N GLU A 420 -12.11 15.91 14.92
CA GLU A 420 -11.39 16.88 15.76
C GLU A 420 -11.60 16.68 17.25
N GLN A 421 -12.58 15.86 17.62
CA GLN A 421 -12.86 15.59 19.03
C GLN A 421 -12.30 14.23 19.47
N THR A 422 -11.72 13.48 18.55
CA THR A 422 -11.15 12.19 18.91
C THR A 422 -9.91 12.36 19.82
N PRO A 423 -9.64 11.35 20.66
CA PRO A 423 -8.45 11.40 21.51
C PRO A 423 -7.15 11.63 20.75
N PHE A 424 -6.99 10.99 19.58
CA PHE A 424 -5.75 11.14 18.83
C PHE A 424 -5.87 12.07 17.62
N HIS A 425 -6.98 12.80 17.56
CA HIS A 425 -7.20 13.87 16.59
C HIS A 425 -7.05 13.36 15.13
N ALA A 426 -7.72 12.27 14.82
CA ALA A 426 -7.70 11.71 13.45
C ALA A 426 -8.96 10.94 13.18
N PRO A 427 -9.36 10.84 11.89
CA PRO A 427 -10.53 10.04 11.61
C PRO A 427 -10.38 8.57 11.99
N TYR A 428 -9.16 8.05 11.82
CA TYR A 428 -8.85 6.68 12.16
C TYR A 428 -8.41 6.54 13.62
N GLY A 429 -8.93 5.52 14.30
CA GLY A 429 -8.34 5.05 15.54
C GLY A 429 -9.21 5.18 16.77
N ASN A 430 -10.46 5.56 16.61
CA ASN A 430 -11.35 5.72 17.76
C ASN A 430 -12.57 4.82 17.76
N ASP A 431 -12.52 3.78 16.93
CA ASP A 431 -13.55 2.74 16.91
C ASP A 431 -12.83 1.41 17.04
N ALA A 432 -13.34 0.53 17.90
CA ALA A 432 -12.71 -0.77 18.13
C ALA A 432 -12.60 -1.58 16.84
N LYS A 433 -13.51 -1.34 15.92
CA LYS A 433 -13.51 -2.09 14.67
C LYS A 433 -12.43 -1.61 13.72
N ASP A 434 -11.72 -0.56 14.11
CA ASP A 434 -10.62 -0.02 13.30
C ASP A 434 -9.38 -0.92 13.36
N PHE A 435 -9.40 -1.92 14.24
CA PHE A 435 -8.21 -2.74 14.52
C PHE A 435 -8.40 -4.20 14.16
N PHE A 436 -7.52 -4.69 13.31
CA PHE A 436 -7.64 -5.98 12.67
C PHE A 436 -6.38 -6.20 11.84
N TRP A 437 -6.24 -7.38 11.24
CA TRP A 437 -5.04 -7.73 10.51
C TRP A 437 -4.78 -6.77 9.39
N GLY A 438 -3.71 -6.02 9.48
CA GLY A 438 -3.32 -5.13 8.38
C GLY A 438 -4.03 -3.81 8.43
N CYS A 439 -4.69 -3.48 9.54
CA CYS A 439 -5.54 -2.30 9.59
C CYS A 439 -4.83 -0.99 9.31
N LEU A 440 -3.55 -0.89 9.59
CA LEU A 440 -2.88 0.40 9.41
C LEU A 440 -2.83 0.76 7.94
N ALA A 441 -2.69 -0.24 7.08
CA ALA A 441 -2.73 0.00 5.64
C ALA A 441 -4.17 -0.02 5.14
N GLU A 442 -4.89 -1.10 5.43
CA GLU A 442 -6.22 -1.35 4.86
C GLU A 442 -7.23 -0.31 5.22
N LYS A 443 -7.15 0.19 6.44
CA LYS A 443 -8.09 1.20 6.88
C LYS A 443 -7.42 2.55 7.06
N CYS A 444 -6.40 2.68 7.89
CA CYS A 444 -5.85 4.01 8.14
C CYS A 444 -5.29 4.68 6.87
N MET A 445 -4.35 3.99 6.21
CA MET A 445 -3.77 4.56 5.00
C MET A 445 -4.81 4.72 3.90
N ASN A 446 -5.61 3.68 3.65
CA ASN A 446 -6.50 3.75 2.47
C ASN A 446 -7.68 4.68 2.71
N GLN A 447 -8.05 4.88 3.97
CA GLN A 447 -8.98 5.98 4.29
C GLN A 447 -8.34 7.33 3.96
N GLY A 448 -7.08 7.49 4.34
CA GLY A 448 -6.30 8.66 3.96
C GLY A 448 -6.24 8.88 2.46
N VAL A 449 -5.95 7.83 1.70
CA VAL A 449 -5.90 7.92 0.24
C VAL A 449 -7.26 8.41 -0.29
N SER A 450 -8.34 7.84 0.22
CA SER A 450 -9.70 8.21 -0.17
C SER A 450 -9.97 9.69 0.11
N LEU A 451 -9.54 10.17 1.28
CA LEU A 451 -9.69 11.59 1.63
C LEU A 451 -8.88 12.48 0.73
N MET A 452 -7.68 12.06 0.37
CA MET A 452 -6.85 12.80 -0.55
C MET A 452 -7.57 12.94 -1.92
N TYR A 453 -8.16 11.84 -2.40
CA TYR A 453 -8.94 11.93 -3.63
C TYR A 453 -10.14 12.87 -3.46
N ALA A 454 -10.81 12.83 -2.33
CA ALA A 454 -11.93 13.77 -2.12
C ALA A 454 -11.47 15.24 -2.17
N TYR A 455 -10.29 15.54 -1.63
CA TYR A 455 -9.69 16.87 -1.77
C TYR A 455 -9.48 17.19 -3.26
N LEU A 456 -8.89 16.27 -4.01
CA LEU A 456 -8.59 16.53 -5.41
C LEU A 456 -9.86 16.81 -6.21
N GLN A 457 -10.97 16.20 -5.83
CA GLN A 457 -12.24 16.34 -6.55
C GLN A 457 -13.00 17.62 -6.20
N THR A 458 -12.63 18.28 -5.11
CA THR A 458 -13.42 19.41 -4.56
C THR A 458 -12.62 20.65 -4.22
N GLY A 459 -11.33 20.51 -3.92
CA GLY A 459 -10.53 21.62 -3.42
C GLY A 459 -10.83 21.96 -1.96
N LYS A 460 -11.63 21.15 -1.28
CA LYS A 460 -11.97 21.41 0.13
C LYS A 460 -10.85 20.89 1.03
N ASP A 461 -10.13 21.84 1.63
CA ASP A 461 -8.96 21.58 2.44
C ASP A 461 -9.24 20.60 3.57
N VAL A 462 -10.45 20.57 4.11
CA VAL A 462 -10.77 19.71 5.24
C VAL A 462 -10.47 18.23 4.94
N TYR A 463 -10.70 17.80 3.71
CA TYR A 463 -10.44 16.39 3.40
C TYR A 463 -8.94 16.10 3.47
N LEU A 464 -8.13 17.00 2.93
CA LEU A 464 -6.68 16.85 2.94
C LEU A 464 -6.13 16.93 4.37
N THR A 465 -6.68 17.85 5.17
CA THR A 465 -6.27 17.99 6.55
C THR A 465 -6.45 16.67 7.26
N ASN A 466 -7.57 16.00 7.01
CA ASN A 466 -7.84 14.72 7.63
C ASN A 466 -6.93 13.58 7.15
N ALA A 467 -6.50 13.65 5.89
CA ALA A 467 -5.57 12.68 5.36
C ALA A 467 -4.22 12.78 6.08
N TYR A 468 -3.76 14.01 6.32
CA TYR A 468 -2.52 14.19 7.09
C TYR A 468 -2.67 13.70 8.52
N ARG A 469 -3.86 13.85 9.10
CA ARG A 469 -4.09 13.35 10.47
C ARG A 469 -3.88 11.84 10.55
N ASN A 470 -4.38 11.10 9.56
CA ASN A 470 -4.21 9.66 9.56
C ASN A 470 -2.76 9.27 9.36
N MET A 471 -2.04 10.03 8.54
CA MET A 471 -0.60 9.81 8.45
C MET A 471 0.12 10.05 9.79
N ASP A 472 -0.23 11.11 10.50
CA ASP A 472 0.35 11.38 11.80
C ASP A 472 0.15 10.17 12.72
N TYR A 473 -1.02 9.55 12.65
CA TYR A 473 -1.33 8.39 13.47
C TYR A 473 -0.31 7.28 13.25
N ILE A 474 -0.06 6.86 12.01
CA ILE A 474 0.87 5.76 11.86
C ILE A 474 2.31 6.14 12.16
N LEU A 475 2.64 7.44 12.11
CA LEU A 475 3.99 7.89 12.36
C LEU A 475 4.29 8.21 13.84
N GLY A 476 3.35 7.89 14.72
CA GLY A 476 3.61 7.93 16.15
C GLY A 476 2.51 8.49 17.01
N ARG A 477 1.54 9.19 16.44
CA ARG A 477 0.50 9.80 17.25
C ARG A 477 -0.60 8.80 17.51
N ASN A 478 -0.34 7.85 18.42
CA ASN A 478 -1.22 6.71 18.61
C ASN A 478 -1.05 6.11 20.02
N ALA A 479 -1.77 5.04 20.28
CA ALA A 479 -1.83 4.46 21.63
C ALA A 479 -0.59 3.69 22.08
N THR A 480 0.29 3.29 21.15
CA THR A 480 1.50 2.54 21.51
C THR A 480 2.75 3.40 21.49
N GLY A 481 2.73 4.49 20.73
CA GLY A 481 3.92 5.30 20.55
C GLY A 481 4.88 4.84 19.46
N PHE A 482 4.51 3.83 18.71
CA PHE A 482 5.33 3.39 17.57
C PHE A 482 5.06 4.22 16.33
N CYS A 483 6.15 4.56 15.64
CA CYS A 483 6.08 4.86 14.22
C CYS A 483 6.13 3.50 13.57
N TYR A 484 5.04 3.11 12.91
CA TYR A 484 4.84 1.74 12.46
C TYR A 484 5.50 1.38 11.13
N VAL A 485 6.55 2.11 10.76
CA VAL A 485 7.26 1.88 9.52
C VAL A 485 8.72 1.58 9.88
N THR A 486 9.23 0.45 9.43
CA THR A 486 10.60 0.06 9.76
C THR A 486 11.61 1.09 9.29
N GLY A 487 12.62 1.35 10.11
CA GLY A 487 13.72 2.20 9.71
C GLY A 487 13.48 3.69 9.80
N LEU A 488 12.31 4.11 10.23
CA LEU A 488 12.00 5.54 10.31
C LEU A 488 11.47 5.93 11.68
N GLY A 489 11.49 7.23 11.98
CA GLY A 489 11.00 7.71 13.26
C GLY A 489 11.94 7.42 14.40
N THR A 490 11.40 7.57 15.60
CA THR A 490 12.15 7.41 16.84
C THR A 490 11.98 6.05 17.48
N LYS A 491 10.75 5.53 17.47
CA LYS A 491 10.48 4.23 18.03
C LYS A 491 9.70 3.47 16.96
N SER A 492 10.38 2.61 16.25
CA SER A 492 9.80 1.89 15.12
C SER A 492 10.03 0.37 15.26
N PRO A 493 9.34 -0.46 14.49
CA PRO A 493 9.50 -1.91 14.68
C PRO A 493 10.90 -2.40 14.34
N LYS A 494 11.51 -3.12 15.27
CA LYS A 494 12.84 -3.68 15.06
C LYS A 494 12.80 -5.20 14.79
N HIS A 495 11.61 -5.80 14.90
CA HIS A 495 11.44 -7.26 14.82
C HIS A 495 10.29 -7.69 13.94
N PRO A 496 10.19 -7.13 12.73
CA PRO A 496 9.04 -7.51 11.90
C PRO A 496 8.96 -8.98 11.55
N HIS A 497 7.74 -9.44 11.34
CA HIS A 497 7.47 -10.76 10.84
C HIS A 497 7.75 -10.72 9.35
N HIS A 498 9.01 -10.96 9.02
CA HIS A 498 9.51 -10.75 7.65
C HIS A 498 10.66 -11.70 7.48
N ARG A 499 10.48 -12.74 6.67
CA ARG A 499 11.54 -13.73 6.55
C ARG A 499 12.85 -13.12 6.05
N LEU A 500 12.80 -12.12 5.18
CA LEU A 500 14.07 -11.51 4.75
C LEU A 500 14.83 -10.84 5.90
N SER A 501 14.16 -9.98 6.67
CA SER A 501 14.84 -9.31 7.78
C SER A 501 15.25 -10.29 8.88
N ALA A 502 14.47 -11.36 9.05
CA ALA A 502 14.68 -12.26 10.18
C ALA A 502 15.81 -13.23 9.90
N SER A 503 16.08 -13.53 8.63
CA SER A 503 17.07 -14.54 8.28
C SER A 503 18.39 -13.98 7.80
N ASP A 504 18.48 -12.67 7.65
CA ASP A 504 19.76 -12.08 7.30
C ASP A 504 20.52 -12.03 8.59
N ASP A 505 21.73 -11.52 8.54
CA ASP A 505 22.53 -11.48 9.75
C ASP A 505 22.74 -10.03 10.12
N ILE A 506 21.68 -9.24 9.91
CA ILE A 506 21.70 -7.80 10.16
C ILE A 506 20.65 -7.48 11.22
N GLU A 507 21.06 -6.81 12.28
CA GLU A 507 20.19 -6.52 13.40
C GLU A 507 19.02 -5.62 12.95
N ASP A 508 19.32 -4.50 12.32
CA ASP A 508 18.25 -3.60 11.92
C ASP A 508 17.44 -4.24 10.80
N PRO A 509 16.10 -4.10 10.88
CA PRO A 509 15.28 -4.63 9.79
C PRO A 509 15.46 -3.87 8.47
N ILE A 510 15.08 -4.50 7.36
CA ILE A 510 15.07 -3.82 6.08
C ILE A 510 14.11 -2.64 6.24
N PRO A 511 14.52 -1.43 5.81
CA PRO A 511 13.70 -0.25 6.07
C PRO A 511 12.56 -0.05 5.06
N GLY A 512 11.56 0.72 5.50
CA GLY A 512 10.48 1.20 4.63
C GLY A 512 9.19 0.41 4.68
N PHE A 513 9.08 -0.62 5.52
CA PHE A 513 7.89 -1.44 5.57
C PHE A 513 6.91 -1.01 6.64
N LEU A 514 5.64 -0.85 6.25
CA LEU A 514 4.53 -0.61 7.17
C LEU A 514 4.09 -1.95 7.76
N VAL A 515 4.17 -2.08 9.07
CA VAL A 515 3.69 -3.31 9.66
C VAL A 515 2.16 -3.29 9.80
N GLY A 516 1.54 -4.45 9.93
CA GLY A 516 0.08 -4.54 9.91
C GLY A 516 -0.61 -3.73 10.99
N GLY A 517 -0.10 -3.78 12.20
CA GLY A 517 -0.56 -2.96 13.32
C GLY A 517 -1.45 -3.69 14.28
N PRO A 518 -1.96 -2.94 15.26
CA PRO A 518 -2.74 -3.53 16.35
C PRO A 518 -3.89 -4.36 15.84
N ASN A 519 -4.08 -5.53 16.44
CA ASN A 519 -5.01 -6.55 15.96
C ASN A 519 -5.40 -7.44 17.15
N PRO A 520 -6.57 -7.20 17.74
CA PRO A 520 -7.00 -7.98 18.91
C PRO A 520 -7.68 -9.28 18.50
N ALA A 531 -8.39 -6.25 26.82
CA ALA A 531 -7.30 -5.29 26.63
C ALA A 531 -7.72 -4.24 25.60
N SER A 532 -6.94 -3.15 25.48
CA SER A 532 -7.24 -2.09 24.53
C SER A 532 -6.88 -2.51 23.09
N PRO A 533 -7.86 -2.49 22.18
CA PRO A 533 -7.62 -2.95 20.80
C PRO A 533 -6.49 -2.19 20.10
N ASP A 534 -6.34 -0.89 20.38
CA ASP A 534 -5.32 -0.08 19.71
C ASP A 534 -3.91 -0.27 20.30
N GLU A 535 -3.82 -1.14 21.32
CA GLU A 535 -2.55 -1.47 21.93
C GLU A 535 -2.19 -2.95 21.74
N SER A 536 -3.01 -3.66 20.98
CA SER A 536 -2.79 -5.08 20.69
C SER A 536 -1.75 -5.29 19.60
N TYR A 537 -0.54 -4.84 19.89
CA TYR A 537 0.57 -4.85 18.94
C TYR A 537 1.81 -5.34 19.70
N VAL A 538 2.53 -6.27 19.10
CA VAL A 538 3.82 -6.72 19.60
C VAL A 538 4.88 -6.70 18.51
N ASP A 539 6.03 -6.12 18.84
CA ASP A 539 7.15 -6.07 17.92
C ASP A 539 8.04 -7.31 18.13
N THR A 540 7.55 -8.44 17.65
CA THR A 540 8.30 -9.67 17.66
C THR A 540 8.11 -10.38 16.33
N GLU A 541 9.14 -11.11 15.90
CA GLU A 541 9.15 -11.72 14.58
C GLU A 541 8.08 -12.79 14.38
N ASP A 542 7.58 -13.37 15.48
CA ASP A 542 6.54 -14.38 15.36
C ASP A 542 5.13 -13.81 15.24
N SER A 543 5.00 -12.48 15.32
CA SER A 543 3.66 -11.89 15.28
C SER A 543 3.15 -11.66 13.85
N TYR A 544 2.70 -12.73 13.17
CA TYR A 544 1.93 -12.60 11.94
C TYR A 544 0.72 -11.73 12.19
N ALA A 545 0.15 -11.78 13.40
CA ALA A 545 -1.10 -11.10 13.69
C ALA A 545 -0.97 -9.57 13.66
N SER A 546 0.17 -9.08 14.11
CA SER A 546 0.32 -7.62 14.30
C SER A 546 1.56 -6.99 13.68
N ASN A 547 2.53 -7.81 13.27
CA ASN A 547 3.84 -7.28 12.86
C ASN A 547 4.30 -7.79 11.48
N GLU A 548 3.35 -8.28 10.67
CA GLU A 548 3.60 -8.73 9.32
C GLU A 548 3.84 -7.52 8.38
N VAL A 549 4.56 -7.77 7.29
CA VAL A 549 4.74 -6.75 6.26
C VAL A 549 4.25 -7.34 4.95
N ALA A 550 3.86 -6.49 4.00
CA ALA A 550 3.28 -6.97 2.75
C ALA A 550 3.29 -5.93 1.65
N ILE A 551 3.41 -6.36 0.41
CA ILE A 551 3.42 -5.41 -0.71
C ILE A 551 2.14 -4.58 -0.79
N ASN A 552 0.98 -5.15 -0.45
CA ASN A 552 -0.26 -4.38 -0.54
C ASN A 552 -0.36 -3.35 0.56
N TRP A 553 0.30 -3.63 1.69
CA TRP A 553 0.34 -2.68 2.79
C TRP A 553 1.33 -1.57 2.45
N ASN A 554 2.46 -1.90 1.86
CA ASN A 554 3.38 -0.87 1.41
CA ASN A 554 3.38 -0.88 1.40
C ASN A 554 2.84 -0.08 0.21
N ALA A 555 1.97 -0.69 -0.60
CA ALA A 555 1.38 0.05 -1.72
C ALA A 555 0.55 1.19 -1.17
N ALA A 556 -0.19 0.91 -0.09
CA ALA A 556 -0.99 1.94 0.58
C ALA A 556 -0.11 3.05 1.11
N LEU A 557 0.99 2.67 1.76
CA LEU A 557 1.93 3.66 2.27
C LEU A 557 2.55 4.50 1.16
N VAL A 558 2.98 3.89 0.07
CA VAL A 558 3.49 4.65 -1.06
C VAL A 558 2.42 5.62 -1.58
N ALA A 559 1.19 5.11 -1.69
CA ALA A 559 0.07 5.95 -2.17
C ALA A 559 -0.13 7.18 -1.30
N LEU A 560 -0.24 7.00 0.00
CA LEU A 560 -0.57 8.15 0.87
C LEU A 560 0.65 9.04 1.09
N ALA A 561 1.81 8.45 1.39
CA ALA A 561 2.97 9.29 1.65
C ALA A 561 3.38 10.13 0.45
N SER A 562 3.33 9.53 -0.75
CA SER A 562 3.76 10.24 -1.96
C SER A 562 2.79 11.35 -2.25
N SER A 563 1.50 11.09 -2.19
CA SER A 563 0.52 12.13 -2.49
C SER A 563 0.52 13.26 -1.45
N LEU A 564 0.67 12.95 -0.17
CA LEU A 564 0.74 13.99 0.85
C LEU A 564 1.99 14.83 0.68
N ASP A 565 3.12 14.22 0.35
CA ASP A 565 4.34 14.99 0.08
C ASP A 565 4.19 15.84 -1.19
N ALA A 566 3.69 15.28 -2.27
CA ALA A 566 3.50 16.03 -3.51
C ALA A 566 2.59 17.22 -3.29
N LEU A 567 1.52 17.04 -2.53
CA LEU A 567 0.53 18.11 -2.33
C LEU A 567 0.99 19.23 -1.37
N ALA A 568 2.05 18.98 -0.62
CA ALA A 568 2.47 19.94 0.40
C ALA A 568 3.00 21.24 -0.20
N VAL A 569 3.43 21.18 -1.45
CA VAL A 569 3.97 22.36 -2.12
C VAL A 569 2.84 23.11 -2.79
#